data_3SR4
#
_entry.id   3SR4
#
_cell.length_a   152.753
_cell.length_b   152.753
_cell.length_c   50.889
_cell.angle_alpha   90.00
_cell.angle_beta   90.00
_cell.angle_gamma   120.00
#
_symmetry.space_group_name_H-M   'P 65'
#
loop_
_entity.id
_entity.type
_entity.pdbx_description
1 polymer 'Histone-lysine N-methyltransferase, H3 lysine-79 specific'
2 non-polymer '(2S)-2-azanyl-4-[[(2S,3S,4R,5R)-5-[6-(methylamino)purin-9-yl]-3,4-bis(oxidanyl)oxolan-2-yl]methylsulfanyl]butanoic acid'
3 non-polymer GLYCEROL
4 non-polymer 'ACETATE ION'
5 non-polymer 'SULFATE ION'
6 water water
#
_entity_poly.entity_id   1
_entity_poly.type   'polypeptide(L)'
_entity_poly.pdbx_seq_one_letter_code
;MGEKLELRLKSPVGAEPAVYPWPLPVYDKHHDAAHEIIETIRWVCEEIPDLKLAMENYVLIDYDTKSFESMQRLCDKYNR
AIDSIHQLWKGTTQPMKLNTRPSTGLLRHILQQVYNHSVTDPEKLNNYEPFSPEVYGETSFDLVAQMIDEIKMTDDDLFV
DLGSGVGQVVLQVAAATNCKHHYGVEKADIPAKYAETMDREFRKWMKWYGKKHAEYTLERGDFLSEEWRERIANTSVIFV
NNFAFGPEVDHQLKERFANMKEGGRIVSSKPFAPLNFRINSRNLSDIGTIMRVVELSPLKGSVSWTGKPVSYYLHTIDRT
ILENYFSSLKNPKLREEQEAARRRQQRESKS
;
_entity_poly.pdbx_strand_id   A
#
loop_
_chem_comp.id
_chem_comp.type
_chem_comp.name
_chem_comp.formula
ACT non-polymer 'ACETATE ION' 'C2 H3 O2 -1'
GOL non-polymer GLYCEROL 'C3 H8 O3'
SO4 non-polymer 'SULFATE ION' 'O4 S -2'
TT8 non-polymer '(2S)-2-azanyl-4-[[(2S,3S,4R,5R)-5-[6-(methylamino)purin-9-yl]-3,4-bis(oxidanyl)oxolan-2-yl]methylsulfanyl]butanoic acid' 'C15 H22 N6 O5 S'
#
# COMPACT_ATOMS: atom_id res chain seq x y z
N LEU A 5 -12.02 -9.20 -30.73
CA LEU A 5 -11.87 -10.44 -29.92
C LEU A 5 -11.44 -10.07 -28.49
N GLU A 6 -12.27 -10.42 -27.51
CA GLU A 6 -11.98 -10.10 -26.11
C GLU A 6 -12.60 -11.08 -25.13
N LEU A 7 -12.39 -10.78 -23.84
CA LEU A 7 -12.94 -11.54 -22.73
C LEU A 7 -13.47 -10.44 -21.81
N ARG A 8 -14.70 -10.59 -21.32
CA ARG A 8 -15.30 -9.60 -20.44
C ARG A 8 -15.67 -10.19 -19.10
N LEU A 9 -15.52 -9.40 -18.04
CA LEU A 9 -15.89 -9.84 -16.71
C LEU A 9 -16.81 -8.77 -16.12
N LYS A 10 -18.03 -9.17 -15.80
CA LYS A 10 -18.99 -8.22 -15.23
C LYS A 10 -18.67 -7.89 -13.78
N SER A 11 -19.00 -6.67 -13.40
CA SER A 11 -18.78 -6.18 -12.05
C SER A 11 -19.86 -6.72 -11.11
N PRO A 12 -19.48 -7.18 -9.91
CA PRO A 12 -20.50 -7.69 -9.01
C PRO A 12 -21.45 -6.60 -8.52
N VAL A 13 -21.09 -5.34 -8.81
CA VAL A 13 -21.92 -4.22 -8.39
C VAL A 13 -22.40 -3.32 -9.51
N GLY A 14 -22.34 -3.80 -10.75
CA GLY A 14 -22.84 -3.01 -11.86
C GLY A 14 -21.95 -2.00 -12.55
N ALA A 15 -20.67 -1.95 -12.20
CA ALA A 15 -19.77 -1.01 -12.86
C ALA A 15 -19.53 -1.53 -14.28
N GLU A 16 -18.85 -0.75 -15.11
CA GLU A 16 -18.58 -1.20 -16.48
C GLU A 16 -17.75 -2.47 -16.43
N PRO A 17 -18.06 -3.45 -17.28
CA PRO A 17 -17.28 -4.70 -17.27
C PRO A 17 -15.79 -4.50 -17.53
N ALA A 18 -15.00 -5.49 -17.14
CA ALA A 18 -13.57 -5.47 -17.35
C ALA A 18 -13.34 -6.19 -18.68
N VAL A 19 -12.59 -5.55 -19.57
CA VAL A 19 -12.32 -6.10 -20.90
C VAL A 19 -10.87 -6.47 -21.13
N TYR A 20 -10.62 -7.70 -21.55
CA TYR A 20 -9.26 -8.14 -21.82
C TYR A 20 -9.14 -8.56 -23.28
N PRO A 21 -8.11 -8.05 -23.98
CA PRO A 21 -7.91 -8.40 -25.39
C PRO A 21 -7.31 -9.79 -25.48
N TRP A 22 -7.43 -10.42 -26.65
CA TRP A 22 -6.85 -11.74 -26.84
C TRP A 22 -5.91 -11.70 -28.04
N PRO A 23 -4.74 -12.36 -27.94
CA PRO A 23 -4.20 -13.15 -26.83
C PRO A 23 -4.06 -12.33 -25.55
N LEU A 24 -4.16 -13.02 -24.41
CA LEU A 24 -4.04 -12.36 -23.12
C LEU A 24 -2.58 -11.97 -22.89
N PRO A 25 -2.35 -10.73 -22.44
CA PRO A 25 -0.99 -10.26 -22.20
C PRO A 25 -0.30 -10.84 -20.97
N VAL A 26 1.02 -10.72 -20.96
CA VAL A 26 1.85 -11.18 -19.86
C VAL A 26 2.37 -9.92 -19.17
N TYR A 27 2.41 -9.93 -17.84
CA TYR A 27 2.86 -8.75 -17.08
C TYR A 27 4.34 -8.86 -16.72
N ASP A 28 4.74 -10.06 -16.35
CA ASP A 28 6.11 -10.39 -16.01
C ASP A 28 6.17 -11.90 -15.90
N LYS A 29 7.33 -12.43 -15.60
CA LYS A 29 7.50 -13.89 -15.51
C LYS A 29 6.54 -14.55 -14.53
N HIS A 30 5.94 -13.78 -13.63
CA HIS A 30 5.03 -14.38 -12.66
C HIS A 30 3.57 -13.93 -12.70
N HIS A 31 3.24 -13.04 -13.64
CA HIS A 31 1.87 -12.56 -13.74
C HIS A 31 1.37 -12.35 -15.17
N ASP A 32 0.22 -12.95 -15.49
CA ASP A 32 -0.36 -12.75 -16.81
C ASP A 32 -1.86 -12.46 -16.66
N ALA A 33 -2.45 -11.83 -17.67
CA ALA A 33 -3.86 -11.48 -17.62
C ALA A 33 -4.77 -12.69 -17.37
N ALA A 34 -4.40 -13.84 -17.94
CA ALA A 34 -5.19 -15.05 -17.79
C ALA A 34 -5.41 -15.44 -16.34
N HIS A 35 -4.35 -15.42 -15.53
CA HIS A 35 -4.46 -15.78 -14.13
C HIS A 35 -5.08 -14.67 -13.28
N GLU A 36 -5.00 -13.44 -13.76
CA GLU A 36 -5.61 -12.32 -13.07
C GLU A 36 -7.13 -12.51 -13.16
N ILE A 37 -7.56 -12.99 -14.32
CA ILE A 37 -8.97 -13.23 -14.61
C ILE A 37 -9.48 -14.32 -13.67
N ILE A 38 -8.77 -15.43 -13.66
CA ILE A 38 -9.14 -16.56 -12.81
C ILE A 38 -9.16 -16.13 -11.35
N GLU A 39 -8.19 -15.32 -10.96
CA GLU A 39 -8.10 -14.85 -9.58
C GLU A 39 -9.19 -13.86 -9.21
N THR A 40 -9.59 -13.04 -10.17
CA THR A 40 -10.63 -12.05 -9.93
C THR A 40 -11.96 -12.79 -9.68
N ILE A 41 -12.24 -13.81 -10.49
CA ILE A 41 -13.46 -14.59 -10.32
C ILE A 41 -13.43 -15.28 -8.95
N ARG A 42 -12.24 -15.77 -8.58
CA ARG A 42 -12.06 -16.45 -7.31
C ARG A 42 -12.35 -15.50 -6.14
N TRP A 43 -11.91 -14.25 -6.25
CA TRP A 43 -12.13 -13.28 -5.19
C TRP A 43 -13.54 -12.72 -5.12
N VAL A 44 -14.19 -12.53 -6.27
CA VAL A 44 -15.54 -12.04 -6.24
C VAL A 44 -16.41 -13.14 -5.62
N CYS A 45 -16.03 -14.40 -5.82
CA CYS A 45 -16.77 -15.50 -5.22
C CYS A 45 -16.57 -15.49 -3.71
N GLU A 46 -15.49 -14.88 -3.23
CA GLU A 46 -15.25 -14.80 -1.79
C GLU A 46 -16.19 -13.74 -1.23
N GLU A 47 -16.33 -12.62 -1.95
CA GLU A 47 -17.22 -11.53 -1.52
C GLU A 47 -18.68 -11.95 -1.53
N ILE A 48 -19.06 -12.80 -2.47
CA ILE A 48 -20.46 -13.20 -2.60
C ILE A 48 -20.66 -14.72 -2.56
N PRO A 49 -20.95 -15.26 -1.37
CA PRO A 49 -21.17 -16.70 -1.16
C PRO A 49 -22.11 -17.36 -2.19
N ASP A 50 -23.23 -16.71 -2.49
CA ASP A 50 -24.18 -17.27 -3.46
C ASP A 50 -23.50 -17.48 -4.81
N LEU A 51 -22.65 -16.54 -5.18
CA LEU A 51 -21.93 -16.63 -6.44
C LEU A 51 -21.05 -17.87 -6.41
N LYS A 52 -20.40 -18.09 -5.27
CA LYS A 52 -19.53 -19.24 -5.08
C LYS A 52 -20.32 -20.53 -5.27
N LEU A 53 -21.56 -20.56 -4.79
CA LEU A 53 -22.42 -21.74 -4.93
C LEU A 53 -22.73 -22.04 -6.39
N ALA A 54 -22.95 -20.99 -7.18
CA ALA A 54 -23.26 -21.14 -8.60
C ALA A 54 -22.02 -21.49 -9.42
N MET A 55 -20.86 -21.06 -8.96
CA MET A 55 -19.61 -21.33 -9.65
C MET A 55 -19.13 -22.77 -9.53
N GLU A 56 -19.28 -23.35 -8.34
CA GLU A 56 -18.87 -24.75 -8.13
C GLU A 56 -19.39 -25.65 -9.25
N ASN A 57 -20.71 -25.63 -9.40
CA ASN A 57 -21.41 -26.44 -10.40
C ASN A 57 -20.74 -26.48 -11.77
N TYR A 58 -20.08 -27.58 -12.09
CA TYR A 58 -19.56 -27.72 -13.43
C TYR A 58 -18.30 -26.95 -13.82
N VAL A 59 -17.48 -26.51 -12.91
CA VAL A 59 -16.27 -25.91 -13.43
C VAL A 59 -15.13 -26.78 -12.91
N LEU A 60 -15.05 -27.97 -13.49
CA LEU A 60 -14.08 -28.97 -13.10
C LEU A 60 -12.73 -28.79 -13.76
N ILE A 61 -12.04 -27.69 -13.49
CA ILE A 61 -10.70 -27.42 -14.04
C ILE A 61 -10.60 -27.44 -15.57
N ASP A 62 -11.72 -27.75 -16.24
CA ASP A 62 -11.74 -27.83 -17.69
C ASP A 62 -11.42 -26.51 -18.40
N TYR A 63 -10.33 -25.86 -18.01
CA TYR A 63 -9.93 -24.61 -18.64
C TYR A 63 -8.44 -24.50 -18.89
N ASP A 64 -8.10 -24.11 -20.12
CA ASP A 64 -6.72 -23.95 -20.54
C ASP A 64 -6.47 -22.47 -20.78
N THR A 65 -5.60 -21.89 -19.97
CA THR A 65 -5.28 -20.46 -20.09
C THR A 65 -4.81 -20.10 -21.49
N LYS A 66 -4.48 -21.11 -22.28
CA LYS A 66 -4.00 -20.91 -23.64
C LYS A 66 -5.06 -21.04 -24.71
N SER A 67 -6.27 -21.43 -24.31
CA SER A 67 -7.38 -21.59 -25.26
C SER A 67 -8.38 -20.45 -25.12
N PHE A 68 -8.64 -19.75 -26.21
CA PHE A 68 -9.60 -18.65 -26.17
C PHE A 68 -11.00 -19.13 -25.80
N GLU A 69 -11.46 -20.16 -26.49
CA GLU A 69 -12.79 -20.71 -26.23
C GLU A 69 -12.92 -21.17 -24.77
N SER A 70 -11.87 -21.80 -24.26
CA SER A 70 -11.88 -22.28 -22.88
C SER A 70 -11.98 -21.13 -21.86
N MET A 71 -11.21 -20.07 -22.08
CA MET A 71 -11.25 -18.91 -21.19
C MET A 71 -12.60 -18.20 -21.32
N GLN A 72 -13.15 -18.22 -22.53
CA GLN A 72 -14.44 -17.58 -22.78
C GLN A 72 -15.57 -18.31 -22.08
N ARG A 73 -15.40 -19.63 -21.92
CA ARG A 73 -16.40 -20.45 -21.23
C ARG A 73 -16.36 -20.11 -19.75
N LEU A 74 -15.16 -19.79 -19.24
CA LEU A 74 -15.00 -19.44 -17.83
C LEU A 74 -15.65 -18.10 -17.54
N CYS A 75 -15.34 -17.11 -18.37
CA CYS A 75 -15.90 -15.77 -18.19
C CYS A 75 -17.41 -15.74 -18.35
N ASP A 76 -17.94 -16.48 -19.33
CA ASP A 76 -19.37 -16.50 -19.54
C ASP A 76 -20.05 -17.20 -18.37
N LYS A 77 -19.43 -18.26 -17.87
CA LYS A 77 -20.03 -18.96 -16.73
C LYS A 77 -20.09 -18.05 -15.52
N TYR A 78 -19.03 -17.26 -15.32
CA TYR A 78 -19.00 -16.32 -14.21
C TYR A 78 -20.01 -15.22 -14.48
N ASN A 79 -20.03 -14.69 -15.70
CA ASN A 79 -20.98 -13.63 -16.01
C ASN A 79 -22.46 -14.04 -15.89
N ARG A 80 -22.78 -15.31 -16.16
CA ARG A 80 -24.16 -15.75 -16.03
C ARG A 80 -24.49 -15.88 -14.55
N ALA A 81 -23.50 -16.23 -13.75
CA ALA A 81 -23.70 -16.38 -12.30
C ALA A 81 -23.94 -14.99 -11.73
N ILE A 82 -23.23 -13.98 -12.26
CA ILE A 82 -23.41 -12.59 -11.81
C ILE A 82 -24.84 -12.13 -12.13
N ASP A 83 -25.34 -12.48 -13.31
CA ASP A 83 -26.71 -12.08 -13.65
C ASP A 83 -27.74 -12.70 -12.69
N SER A 84 -27.59 -13.99 -12.36
CA SER A 84 -28.54 -14.63 -11.47
C SER A 84 -28.50 -13.97 -10.09
N ILE A 85 -27.30 -13.75 -9.56
CA ILE A 85 -27.15 -13.09 -8.26
C ILE A 85 -27.82 -11.71 -8.30
N HIS A 86 -27.69 -11.01 -9.43
CA HIS A 86 -28.31 -9.68 -9.54
C HIS A 86 -29.84 -9.78 -9.56
N GLN A 87 -30.35 -10.91 -10.04
CA GLN A 87 -31.79 -11.12 -10.07
C GLN A 87 -32.21 -11.45 -8.65
N LEU A 88 -31.40 -12.26 -7.99
CA LEU A 88 -31.61 -12.68 -6.61
C LEU A 88 -31.70 -11.47 -5.69
N TRP A 89 -30.92 -10.43 -5.99
CA TRP A 89 -30.93 -9.21 -5.19
C TRP A 89 -32.13 -8.34 -5.54
N LYS A 90 -32.91 -8.76 -6.53
CA LYS A 90 -34.10 -8.00 -6.93
C LYS A 90 -35.29 -8.58 -6.19
N GLY A 91 -35.12 -9.79 -5.67
CA GLY A 91 -36.17 -10.45 -4.91
C GLY A 91 -36.11 -9.98 -3.47
N THR A 92 -36.04 -10.93 -2.55
CA THR A 92 -35.97 -10.57 -1.13
C THR A 92 -34.53 -10.55 -0.61
N THR A 93 -33.70 -11.46 -1.12
CA THR A 93 -32.30 -11.55 -0.72
C THR A 93 -31.65 -10.17 -0.63
N GLN A 94 -30.79 -9.97 0.37
CA GLN A 94 -30.11 -8.70 0.56
C GLN A 94 -28.87 -8.62 -0.31
N PRO A 95 -28.65 -7.46 -0.95
CA PRO A 95 -27.50 -7.24 -1.83
C PRO A 95 -26.21 -7.23 -1.03
N MET A 96 -25.10 -7.50 -1.71
CA MET A 96 -23.79 -7.48 -1.08
C MET A 96 -23.67 -6.11 -0.42
N LYS A 97 -23.29 -6.08 0.86
CA LYS A 97 -23.15 -4.80 1.55
C LYS A 97 -22.13 -3.95 0.82
N LEU A 98 -22.52 -2.72 0.47
CA LEU A 98 -21.63 -1.82 -0.24
C LEU A 98 -20.79 -0.95 0.68
N ASN A 99 -19.94 -0.14 0.06
CA ASN A 99 -19.03 0.77 0.76
C ASN A 99 -18.32 0.22 2.00
N THR A 100 -17.81 -1.00 1.91
CA THR A 100 -17.06 -1.59 3.02
C THR A 100 -15.61 -1.74 2.54
N ARG A 101 -14.68 -1.86 3.48
CA ARG A 101 -13.27 -2.01 3.13
C ARG A 101 -12.99 -3.44 2.68
N PRO A 102 -12.04 -3.60 1.76
CA PRO A 102 -11.71 -4.94 1.28
C PRO A 102 -11.00 -5.75 2.35
N SER A 103 -11.08 -7.07 2.23
CA SER A 103 -10.41 -7.95 3.17
C SER A 103 -8.92 -7.85 2.77
N THR A 104 -8.03 -8.32 3.63
CA THR A 104 -6.61 -8.28 3.34
C THR A 104 -6.27 -9.06 2.07
N GLY A 105 -6.86 -10.24 1.93
CA GLY A 105 -6.60 -11.07 0.76
C GLY A 105 -7.07 -10.42 -0.53
N LEU A 106 -8.26 -9.80 -0.50
CA LEU A 106 -8.79 -9.15 -1.68
C LEU A 106 -7.94 -7.92 -2.03
N LEU A 107 -7.43 -7.24 -0.99
CA LEU A 107 -6.62 -6.05 -1.21
C LEU A 107 -5.31 -6.41 -1.89
N ARG A 108 -4.71 -7.52 -1.47
CA ARG A 108 -3.46 -7.95 -2.07
C ARG A 108 -3.70 -8.12 -3.57
N HIS A 109 -4.80 -8.79 -3.91
CA HIS A 109 -5.18 -9.04 -5.29
C HIS A 109 -5.47 -7.74 -6.06
N ILE A 110 -6.22 -6.83 -5.45
CA ILE A 110 -6.54 -5.57 -6.12
C ILE A 110 -5.31 -4.72 -6.43
N LEU A 111 -4.34 -4.69 -5.51
CA LEU A 111 -3.13 -3.90 -5.72
C LEU A 111 -2.25 -4.54 -6.78
N GLN A 112 -2.20 -5.86 -6.81
CA GLN A 112 -1.43 -6.59 -7.80
C GLN A 112 -2.05 -6.27 -9.18
N GLN A 113 -3.38 -6.31 -9.22
CA GLN A 113 -4.15 -6.03 -10.43
C GLN A 113 -3.88 -4.60 -10.93
N VAL A 114 -3.93 -3.63 -10.02
CA VAL A 114 -3.68 -2.23 -10.36
C VAL A 114 -2.24 -2.05 -10.85
N TYR A 115 -1.30 -2.72 -10.18
CA TYR A 115 0.09 -2.65 -10.57
C TYR A 115 0.25 -3.21 -11.99
N ASN A 116 -0.30 -4.41 -12.21
CA ASN A 116 -0.26 -5.10 -13.52
C ASN A 116 -0.68 -4.17 -14.66
N HIS A 117 -1.78 -3.45 -14.46
CA HIS A 117 -2.30 -2.56 -15.49
C HIS A 117 -1.69 -1.16 -15.52
N SER A 118 -0.86 -0.83 -14.53
CA SER A 118 -0.26 0.51 -14.46
C SER A 118 1.23 0.57 -14.76
N VAL A 119 1.99 -0.37 -14.20
CA VAL A 119 3.42 -0.41 -14.42
C VAL A 119 3.67 -1.27 -15.64
N THR A 120 3.33 -0.74 -16.80
CA THR A 120 3.49 -1.46 -18.05
C THR A 120 4.92 -1.95 -18.27
N ASP A 121 5.90 -1.13 -17.93
CA ASP A 121 7.31 -1.50 -18.09
C ASP A 121 8.05 -1.44 -16.75
N PRO A 122 7.95 -2.49 -15.92
CA PRO A 122 8.62 -2.55 -14.62
C PRO A 122 10.10 -2.20 -14.67
N GLU A 123 10.75 -2.54 -15.78
CA GLU A 123 12.17 -2.28 -15.96
C GLU A 123 12.56 -0.81 -15.85
N LYS A 124 11.69 0.08 -16.30
CA LYS A 124 11.98 1.51 -16.25
C LYS A 124 12.16 2.03 -14.82
N LEU A 125 11.60 1.32 -13.85
CA LEU A 125 11.72 1.76 -12.45
C LEU A 125 13.14 1.57 -11.94
N ASN A 126 13.96 0.87 -12.73
CA ASN A 126 15.35 0.62 -12.38
C ASN A 126 16.31 1.62 -13.04
N ASN A 127 15.75 2.50 -13.85
CA ASN A 127 16.54 3.52 -14.56
C ASN A 127 16.86 4.69 -13.65
N TYR A 128 17.27 4.40 -12.43
CA TYR A 128 17.62 5.43 -11.48
C TYR A 128 19.13 5.46 -11.33
N GLU A 129 19.65 6.58 -10.83
CA GLU A 129 21.08 6.72 -10.61
C GLU A 129 21.46 5.88 -9.41
N PRO A 130 22.33 4.86 -9.61
CA PRO A 130 22.74 4.00 -8.50
C PRO A 130 23.50 4.78 -7.44
N PHE A 131 23.47 4.30 -6.20
CA PHE A 131 24.19 4.95 -5.12
C PHE A 131 23.72 6.38 -4.84
N SER A 132 22.44 6.64 -5.10
CA SER A 132 21.87 7.96 -4.85
C SER A 132 20.58 7.76 -4.05
N PRO A 133 19.99 8.84 -3.52
CA PRO A 133 18.74 8.72 -2.75
C PRO A 133 17.60 8.30 -3.66
N GLU A 134 17.86 8.40 -4.96
CA GLU A 134 16.89 8.05 -5.98
C GLU A 134 16.73 6.54 -6.15
N VAL A 135 17.52 5.75 -5.43
CA VAL A 135 17.43 4.30 -5.53
C VAL A 135 16.02 3.79 -5.22
N TYR A 136 15.45 3.06 -6.17
CA TYR A 136 14.11 2.52 -6.06
C TYR A 136 14.02 1.09 -5.52
N GLY A 137 13.10 0.88 -4.58
CA GLY A 137 12.84 -0.41 -3.99
C GLY A 137 11.41 -0.43 -3.49
N GLU A 138 10.74 -1.57 -3.58
CA GLU A 138 9.35 -1.64 -3.15
C GLU A 138 9.15 -2.35 -1.81
N THR A 139 8.42 -1.74 -0.86
CA THR A 139 8.16 -2.38 0.42
C THR A 139 7.12 -3.47 0.25
N SER A 140 7.35 -4.67 0.76
CA SER A 140 6.37 -5.76 0.55
C SER A 140 4.98 -5.43 1.14
N PHE A 141 3.91 -5.98 0.48
CA PHE A 141 2.51 -5.85 0.92
C PHE A 141 2.37 -6.21 2.38
N ASP A 142 2.97 -7.34 2.72
CA ASP A 142 2.95 -7.85 4.09
C ASP A 142 3.52 -6.92 5.15
N LEU A 143 4.63 -6.24 4.83
CA LEU A 143 5.19 -5.33 5.81
C LEU A 143 4.19 -4.22 6.08
N VAL A 144 3.64 -3.66 5.00
CA VAL A 144 2.65 -2.60 5.13
C VAL A 144 1.43 -3.11 5.92
N ALA A 145 1.07 -4.37 5.70
CA ALA A 145 -0.06 -4.95 6.41
C ALA A 145 0.29 -5.01 7.90
N GLN A 146 1.53 -5.40 8.21
CA GLN A 146 1.97 -5.44 9.60
C GLN A 146 1.96 -4.05 10.21
N MET A 147 2.48 -3.07 9.46
CA MET A 147 2.52 -1.71 9.97
C MET A 147 1.12 -1.25 10.28
N ILE A 148 0.18 -1.54 9.39
CA ILE A 148 -1.21 -1.14 9.59
C ILE A 148 -1.80 -1.78 10.85
N ASP A 149 -1.46 -3.06 11.08
CA ASP A 149 -1.97 -3.78 12.24
C ASP A 149 -1.41 -3.27 13.56
N GLU A 150 -0.11 -3.01 13.60
CA GLU A 150 0.53 -2.53 14.81
C GLU A 150 0.34 -1.04 15.10
N ILE A 151 0.23 -0.22 14.07
CA ILE A 151 0.05 1.22 14.24
C ILE A 151 -1.44 1.57 14.12
N LYS A 152 -2.22 1.30 15.16
CA LYS A 152 -3.65 1.61 15.10
C LYS A 152 -3.77 3.06 14.70
N MET A 153 -4.58 3.31 13.66
CA MET A 153 -4.81 4.66 13.17
C MET A 153 -6.29 5.00 13.24
N THR A 154 -6.60 6.28 13.32
CA THR A 154 -7.98 6.74 13.42
C THR A 154 -8.23 7.86 12.43
N ASP A 155 -9.47 8.34 12.39
CA ASP A 155 -9.85 9.40 11.49
C ASP A 155 -9.20 10.71 11.89
N ASP A 156 -8.47 10.71 13.01
CA ASP A 156 -7.78 11.91 13.46
C ASP A 156 -6.38 11.98 12.84
N ASP A 157 -5.89 10.83 12.37
CA ASP A 157 -4.57 10.73 11.78
C ASP A 157 -4.42 11.24 10.34
N LEU A 158 -3.19 11.58 9.99
CA LEU A 158 -2.82 12.01 8.65
C LEU A 158 -1.62 11.13 8.31
N PHE A 159 -1.68 10.46 7.16
CA PHE A 159 -0.61 9.55 6.74
C PHE A 159 0.17 10.03 5.53
N VAL A 160 1.48 10.01 5.64
CA VAL A 160 2.32 10.42 4.52
C VAL A 160 3.43 9.43 4.24
N ASP A 161 3.58 9.05 2.97
CA ASP A 161 4.65 8.17 2.55
C ASP A 161 5.64 9.09 1.81
N LEU A 162 6.77 9.38 2.44
CA LEU A 162 7.78 10.26 1.84
C LEU A 162 8.64 9.45 0.87
N GLY A 163 8.54 9.76 -0.42
CA GLY A 163 9.28 8.99 -1.41
C GLY A 163 8.41 7.79 -1.69
N SER A 164 7.19 8.07 -2.13
CA SER A 164 6.18 7.05 -2.40
C SER A 164 6.29 6.16 -3.65
N GLY A 165 7.23 6.44 -4.54
CA GLY A 165 7.37 5.60 -5.74
C GLY A 165 6.12 5.57 -6.59
N VAL A 166 5.64 4.39 -6.96
CA VAL A 166 4.44 4.33 -7.79
C VAL A 166 3.19 4.42 -6.90
N GLY A 167 3.40 4.67 -5.60
CA GLY A 167 2.32 4.85 -4.65
C GLY A 167 1.56 3.68 -4.05
N GLN A 168 2.06 2.44 -4.14
CA GLN A 168 1.31 1.32 -3.61
C GLN A 168 1.18 1.22 -2.09
N VAL A 169 2.04 1.93 -1.35
CA VAL A 169 1.96 1.92 0.11
C VAL A 169 0.76 2.79 0.52
N VAL A 170 0.63 3.94 -0.13
CA VAL A 170 -0.47 4.85 0.15
C VAL A 170 -1.83 4.23 -0.19
N LEU A 171 -1.90 3.46 -1.28
CA LEU A 171 -3.16 2.83 -1.68
C LEU A 171 -3.59 1.74 -0.71
N GLN A 172 -2.64 0.92 -0.26
CA GLN A 172 -2.96 -0.14 0.67
C GLN A 172 -3.45 0.46 2.00
N VAL A 173 -2.76 1.48 2.49
CA VAL A 173 -3.14 2.10 3.75
C VAL A 173 -4.45 2.85 3.66
N ALA A 174 -4.71 3.46 2.50
CA ALA A 174 -5.95 4.19 2.31
C ALA A 174 -7.14 3.24 2.23
N ALA A 175 -6.91 2.04 1.72
CA ALA A 175 -7.98 1.05 1.60
C ALA A 175 -8.25 0.37 2.93
N ALA A 176 -7.25 0.33 3.80
CA ALA A 176 -7.38 -0.34 5.09
C ALA A 176 -7.70 0.50 6.32
N THR A 177 -7.41 1.80 6.29
CA THR A 177 -7.68 2.63 7.47
C THR A 177 -8.65 3.75 7.21
N ASN A 178 -9.00 4.49 8.26
CA ASN A 178 -9.93 5.59 8.09
C ASN A 178 -9.28 6.95 8.37
N CYS A 179 -8.01 7.11 7.99
CA CYS A 179 -7.34 8.39 8.18
C CYS A 179 -8.14 9.47 7.45
N LYS A 180 -8.01 10.71 7.91
CA LYS A 180 -8.74 11.80 7.27
C LYS A 180 -8.24 11.98 5.85
N HIS A 181 -6.95 11.73 5.64
CA HIS A 181 -6.37 11.86 4.31
C HIS A 181 -5.01 11.18 4.29
N HIS A 182 -4.68 10.57 3.16
CA HIS A 182 -3.41 9.87 2.99
C HIS A 182 -2.65 10.57 1.89
N TYR A 183 -1.35 10.73 2.05
CA TYR A 183 -0.56 11.38 1.02
C TYR A 183 0.68 10.60 0.66
N GLY A 184 1.07 10.73 -0.60
CA GLY A 184 2.28 10.11 -1.11
C GLY A 184 2.99 11.15 -1.96
N VAL A 185 4.27 11.42 -1.68
CA VAL A 185 5.03 12.37 -2.48
C VAL A 185 6.26 11.66 -3.01
N GLU A 186 6.48 11.79 -4.33
CA GLU A 186 7.60 11.17 -5.03
C GLU A 186 8.28 12.20 -5.94
N LYS A 187 9.61 12.20 -5.96
CA LYS A 187 10.39 13.17 -6.73
C LYS A 187 10.72 12.79 -8.17
N ALA A 188 11.12 11.53 -8.39
CA ALA A 188 11.48 11.08 -9.73
C ALA A 188 10.29 10.99 -10.67
N ASP A 189 10.51 11.43 -11.91
CA ASP A 189 9.48 11.44 -12.94
C ASP A 189 8.89 10.10 -13.32
N ILE A 190 9.73 9.07 -13.45
CA ILE A 190 9.23 7.75 -13.83
C ILE A 190 8.22 7.21 -12.82
N PRO A 191 8.63 6.98 -11.56
CA PRO A 191 7.66 6.45 -10.59
C PRO A 191 6.44 7.38 -10.45
N ALA A 192 6.68 8.68 -10.51
CA ALA A 192 5.59 9.64 -10.40
C ALA A 192 4.61 9.50 -11.56
N LYS A 193 5.13 9.18 -12.75
CA LYS A 193 4.24 9.02 -13.90
C LYS A 193 3.36 7.79 -13.72
N TYR A 194 3.95 6.68 -13.31
CA TYR A 194 3.19 5.46 -13.08
C TYR A 194 2.17 5.64 -11.96
N ALA A 195 2.51 6.48 -10.98
CA ALA A 195 1.60 6.74 -9.85
C ALA A 195 0.29 7.33 -10.34
N GLU A 196 0.34 8.09 -11.42
CA GLU A 196 -0.86 8.70 -12.00
C GLU A 196 -1.81 7.63 -12.49
N THR A 197 -1.26 6.62 -13.16
CA THR A 197 -2.09 5.52 -13.68
C THR A 197 -2.49 4.62 -12.50
N MET A 198 -1.57 4.41 -11.57
CA MET A 198 -1.85 3.61 -10.38
C MET A 198 -3.11 4.16 -9.71
N ASP A 199 -3.14 5.49 -9.59
CA ASP A 199 -4.25 6.20 -8.98
C ASP A 199 -5.57 5.99 -9.74
N ARG A 200 -5.54 6.10 -11.06
CA ARG A 200 -6.73 5.91 -11.86
C ARG A 200 -7.23 4.48 -11.76
N GLU A 201 -6.33 3.52 -11.96
CA GLU A 201 -6.68 2.11 -11.91
C GLU A 201 -7.23 1.70 -10.54
N PHE A 202 -6.63 2.21 -9.47
CA PHE A 202 -7.09 1.87 -8.14
C PHE A 202 -8.55 2.31 -7.96
N ARG A 203 -8.83 3.58 -8.24
CA ARG A 203 -10.20 4.08 -8.11
C ARG A 203 -11.15 3.26 -8.99
N LYS A 204 -10.72 2.97 -10.21
CA LYS A 204 -11.57 2.19 -11.10
C LYS A 204 -11.84 0.79 -10.56
N TRP A 205 -10.79 0.08 -10.17
CA TRP A 205 -11.00 -1.28 -9.66
C TRP A 205 -11.74 -1.35 -8.32
N MET A 206 -11.48 -0.40 -7.43
CA MET A 206 -12.19 -0.41 -6.15
C MET A 206 -13.69 -0.24 -6.42
N LYS A 207 -14.04 0.61 -7.39
CA LYS A 207 -15.45 0.79 -7.74
C LYS A 207 -15.97 -0.51 -8.35
N TRP A 208 -15.13 -1.14 -9.18
CA TRP A 208 -15.51 -2.38 -9.84
C TRP A 208 -15.90 -3.47 -8.84
N TYR A 209 -15.16 -3.57 -7.74
CA TYR A 209 -15.43 -4.58 -6.70
C TYR A 209 -16.41 -4.05 -5.65
N GLY A 210 -16.73 -2.77 -5.73
CA GLY A 210 -17.63 -2.18 -4.77
C GLY A 210 -17.03 -2.04 -3.37
N LYS A 211 -15.76 -1.66 -3.30
CA LYS A 211 -15.09 -1.48 -2.02
C LYS A 211 -14.76 -0.03 -1.78
N LYS A 212 -14.73 0.35 -0.52
CA LYS A 212 -14.46 1.72 -0.12
C LYS A 212 -13.00 1.96 0.27
N HIS A 213 -12.55 3.21 0.15
CA HIS A 213 -11.20 3.55 0.54
C HIS A 213 -11.20 4.98 1.04
N ALA A 214 -10.36 5.27 2.02
CA ALA A 214 -10.25 6.62 2.57
C ALA A 214 -9.69 7.55 1.50
N GLU A 215 -9.67 8.85 1.81
CA GLU A 215 -9.16 9.86 0.88
C GLU A 215 -7.65 9.78 0.80
N TYR A 216 -7.12 9.95 -0.41
CA TYR A 216 -5.68 9.92 -0.63
C TYR A 216 -5.30 10.75 -1.85
N THR A 217 -4.05 11.22 -1.87
CA THR A 217 -3.55 12.04 -2.96
C THR A 217 -2.11 11.67 -3.27
N LEU A 218 -1.85 11.31 -4.52
CA LEU A 218 -0.48 10.97 -4.92
C LEU A 218 0.08 12.18 -5.67
N GLU A 219 1.12 12.79 -5.11
CA GLU A 219 1.71 13.98 -5.73
C GLU A 219 3.20 13.89 -6.05
N ARG A 220 3.62 14.67 -7.06
CA ARG A 220 5.01 14.75 -7.49
C ARG A 220 5.64 15.87 -6.66
N GLY A 221 6.86 15.67 -6.19
CA GLY A 221 7.48 16.70 -5.39
C GLY A 221 8.74 16.27 -4.66
N ASP A 222 9.33 17.21 -3.94
CA ASP A 222 10.56 16.97 -3.19
C ASP A 222 10.18 17.15 -1.72
N PHE A 223 10.19 16.07 -0.94
CA PHE A 223 9.79 16.21 0.46
C PHE A 223 10.73 17.02 1.35
N LEU A 224 11.82 17.53 0.77
CA LEU A 224 12.76 18.35 1.54
C LEU A 224 12.53 19.84 1.25
N SER A 225 11.59 20.13 0.36
CA SER A 225 11.28 21.50 -0.01
C SER A 225 10.68 22.30 1.15
N GLU A 226 10.50 23.60 0.93
CA GLU A 226 9.94 24.49 1.93
C GLU A 226 8.48 24.18 2.22
N GLU A 227 7.72 23.87 1.17
CA GLU A 227 6.31 23.54 1.34
C GLU A 227 6.15 22.35 2.29
N TRP A 228 7.03 21.37 2.12
CA TRP A 228 6.97 20.17 2.93
C TRP A 228 7.48 20.22 4.37
N ARG A 229 8.14 21.31 4.77
CA ARG A 229 8.64 21.41 6.16
C ARG A 229 7.45 21.42 7.12
N GLU A 230 6.47 22.27 6.83
CA GLU A 230 5.29 22.37 7.68
C GLU A 230 4.34 21.19 7.45
N ARG A 231 4.27 20.70 6.22
CA ARG A 231 3.39 19.56 5.93
C ARG A 231 3.80 18.38 6.78
N ILE A 232 5.10 18.14 6.87
CA ILE A 232 5.63 17.05 7.68
C ILE A 232 5.34 17.28 9.18
N ALA A 233 5.44 18.54 9.60
CA ALA A 233 5.19 18.88 11.00
C ALA A 233 3.76 18.55 11.43
N ASN A 234 2.83 18.53 10.48
CA ASN A 234 1.43 18.25 10.78
C ASN A 234 0.99 16.80 10.53
N THR A 235 1.91 15.95 10.10
CA THR A 235 1.60 14.55 9.83
C THR A 235 1.69 13.78 11.15
N SER A 236 0.72 12.90 11.40
CA SER A 236 0.77 12.11 12.64
C SER A 236 1.44 10.76 12.40
N VAL A 237 1.38 10.26 11.16
CA VAL A 237 2.02 8.99 10.84
C VAL A 237 2.75 9.10 9.51
N ILE A 238 4.07 8.96 9.58
CA ILE A 238 4.93 9.03 8.41
C ILE A 238 5.56 7.69 8.10
N PHE A 239 5.52 7.30 6.83
CA PHE A 239 6.17 6.07 6.40
C PHE A 239 7.29 6.53 5.48
N VAL A 240 8.51 6.01 5.68
CA VAL A 240 9.61 6.39 4.81
C VAL A 240 10.63 5.25 4.65
N ASN A 241 10.82 4.81 3.42
CA ASN A 241 11.78 3.74 3.15
C ASN A 241 13.10 4.44 2.84
N ASN A 242 13.81 4.80 3.90
CA ASN A 242 15.08 5.54 3.78
C ASN A 242 16.33 4.68 3.77
N PHE A 243 16.18 3.38 3.55
CA PHE A 243 17.33 2.49 3.52
C PHE A 243 18.48 3.01 2.64
N ALA A 244 18.15 3.53 1.46
CA ALA A 244 19.16 4.03 0.54
C ALA A 244 19.21 5.55 0.43
N PHE A 245 18.63 6.26 1.38
CA PHE A 245 18.62 7.72 1.32
C PHE A 245 19.99 8.38 1.57
N GLY A 246 20.75 7.84 2.51
CA GLY A 246 22.05 8.41 2.82
C GLY A 246 22.01 9.32 4.05
N PRO A 247 23.16 9.54 4.71
CA PRO A 247 23.31 10.38 5.90
C PRO A 247 22.90 11.83 5.73
N GLU A 248 23.07 12.36 4.52
CA GLU A 248 22.71 13.75 4.24
C GLU A 248 21.19 13.95 4.21
N VAL A 249 20.49 13.11 3.47
CA VAL A 249 19.04 13.19 3.40
C VAL A 249 18.41 12.82 4.74
N ASP A 250 18.95 11.81 5.43
CA ASP A 250 18.40 11.43 6.73
C ASP A 250 18.56 12.57 7.73
N HIS A 251 19.67 13.29 7.62
CA HIS A 251 19.95 14.41 8.51
C HIS A 251 18.90 15.51 8.31
N GLN A 252 18.58 15.82 7.06
CA GLN A 252 17.59 16.84 6.77
C GLN A 252 16.24 16.43 7.34
N LEU A 253 15.87 15.16 7.11
CA LEU A 253 14.60 14.62 7.59
C LEU A 253 14.47 14.75 9.10
N LYS A 254 15.56 14.52 9.81
CA LYS A 254 15.55 14.65 11.27
C LYS A 254 15.16 16.07 11.67
N GLU A 255 15.70 17.06 10.95
CA GLU A 255 15.42 18.45 11.25
C GLU A 255 13.94 18.68 11.15
N ARG A 256 13.33 18.04 10.16
CA ARG A 256 11.90 18.19 9.93
C ARG A 256 11.02 17.40 10.89
N PHE A 257 11.47 16.22 11.32
CA PHE A 257 10.69 15.42 12.26
C PHE A 257 10.69 16.11 13.62
N ALA A 258 11.75 16.88 13.87
CA ALA A 258 11.91 17.59 15.14
C ALA A 258 10.73 18.51 15.44
N ASN A 259 9.98 18.89 14.41
CA ASN A 259 8.82 19.76 14.59
C ASN A 259 7.49 19.03 14.73
N MET A 260 7.49 17.70 14.64
CA MET A 260 6.24 16.96 14.74
C MET A 260 5.59 17.05 16.13
N LYS A 261 4.29 16.80 16.18
CA LYS A 261 3.54 16.85 17.42
C LYS A 261 3.75 15.62 18.29
N GLU A 262 3.43 15.76 19.56
CA GLU A 262 3.55 14.71 20.55
C GLU A 262 2.80 13.47 20.05
N GLY A 263 3.36 12.29 20.25
CA GLY A 263 2.70 11.09 19.80
C GLY A 263 2.80 10.82 18.30
N GLY A 264 3.42 11.72 17.55
CA GLY A 264 3.57 11.51 16.11
C GLY A 264 4.43 10.28 15.92
N ARG A 265 4.22 9.53 14.84
CA ARG A 265 5.00 8.33 14.60
C ARG A 265 5.65 8.26 13.23
N ILE A 266 6.79 7.57 13.17
CA ILE A 266 7.55 7.40 11.93
C ILE A 266 7.98 5.95 11.82
N VAL A 267 7.73 5.34 10.67
CA VAL A 267 8.14 3.96 10.39
C VAL A 267 9.14 4.02 9.25
N SER A 268 10.29 3.38 9.40
CA SER A 268 11.31 3.43 8.36
C SER A 268 12.16 2.14 8.24
N SER A 269 13.00 2.08 7.20
CA SER A 269 13.87 0.93 6.96
C SER A 269 15.18 1.10 7.75
N LYS A 270 15.53 2.35 8.02
CA LYS A 270 16.75 2.65 8.75
C LYS A 270 16.38 3.59 9.88
N PRO A 271 16.71 3.23 11.12
CA PRO A 271 16.36 4.09 12.25
C PRO A 271 17.00 5.48 12.21
N PHE A 272 16.24 6.48 12.64
CA PHE A 272 16.70 7.85 12.66
C PHE A 272 17.44 8.19 13.95
N ALA A 273 17.35 7.30 14.93
CA ALA A 273 18.02 7.48 16.21
C ALA A 273 18.36 6.09 16.74
N PRO A 274 19.52 5.95 17.40
CA PRO A 274 19.91 4.64 17.94
C PRO A 274 18.85 4.05 18.86
N LEU A 275 18.85 2.72 18.95
CA LEU A 275 17.89 2.03 19.81
C LEU A 275 18.39 2.03 21.25
N ASN A 276 19.69 2.28 21.41
CA ASN A 276 20.33 2.30 22.72
C ASN A 276 20.57 3.72 23.22
N PHE A 277 19.85 4.69 22.65
CA PHE A 277 20.04 6.08 23.04
C PHE A 277 19.83 6.37 24.52
N ARG A 278 20.76 7.17 25.05
CA ARG A 278 20.75 7.61 26.45
C ARG A 278 21.16 9.08 26.44
N ILE A 279 20.24 9.96 26.82
CA ILE A 279 20.56 11.39 26.82
C ILE A 279 21.70 11.73 27.79
N ASN A 280 22.50 12.71 27.41
CA ASN A 280 23.60 13.20 28.22
C ASN A 280 24.05 14.55 27.67
N SER A 281 24.95 15.21 28.38
CA SER A 281 25.45 16.54 28.01
C SER A 281 25.88 16.76 26.56
N ARG A 282 26.29 15.70 25.87
CA ARG A 282 26.76 15.84 24.49
C ARG A 282 25.74 15.67 23.38
N ASN A 283 24.61 15.01 23.65
CA ASN A 283 23.62 14.81 22.60
C ASN A 283 22.27 15.48 22.84
N LEU A 284 22.26 16.55 23.61
CA LEU A 284 21.02 17.27 23.91
C LEU A 284 20.25 17.71 22.67
N SER A 285 20.95 17.91 21.57
CA SER A 285 20.32 18.34 20.32
C SER A 285 20.01 17.15 19.40
N ASP A 286 20.46 15.96 19.80
CA ASP A 286 20.22 14.74 19.01
C ASP A 286 18.73 14.36 18.98
N ILE A 287 18.27 13.95 17.81
CA ILE A 287 16.87 13.56 17.59
C ILE A 287 16.38 12.53 18.61
N GLY A 288 17.27 11.63 19.05
CA GLY A 288 16.88 10.62 20.02
C GLY A 288 16.38 11.13 21.36
N THR A 289 16.50 12.42 21.60
CA THR A 289 16.05 13.01 22.87
C THR A 289 14.55 13.23 22.90
N ILE A 290 13.91 13.20 21.74
CA ILE A 290 12.48 13.43 21.69
C ILE A 290 11.67 12.28 21.10
N MET A 291 12.27 11.09 20.98
CA MET A 291 11.53 9.97 20.42
C MET A 291 11.92 8.58 20.88
N ARG A 292 10.91 7.74 21.05
CA ARG A 292 11.13 6.35 21.42
C ARG A 292 11.29 5.62 20.09
N VAL A 293 12.24 4.70 20.03
CA VAL A 293 12.47 3.96 18.81
C VAL A 293 12.44 2.48 19.15
N VAL A 294 11.58 1.75 18.44
CA VAL A 294 11.46 0.32 18.66
C VAL A 294 11.56 -0.37 17.32
N GLU A 295 12.07 -1.60 17.34
CA GLU A 295 12.20 -2.36 16.11
C GLU A 295 10.94 -3.21 15.99
N LEU A 296 10.29 -3.14 14.83
CA LEU A 296 9.08 -3.92 14.62
C LEU A 296 9.48 -5.39 14.47
N SER A 297 8.58 -6.29 14.86
CA SER A 297 8.86 -7.71 14.77
C SER A 297 9.10 -8.13 13.34
N PRO A 298 10.10 -8.99 13.11
CA PRO A 298 10.36 -9.44 11.74
C PRO A 298 9.26 -10.42 11.32
N LEU A 299 8.77 -10.26 10.09
CA LEU A 299 7.73 -11.17 9.61
C LEU A 299 8.38 -12.52 9.33
N LYS A 300 7.81 -13.57 9.89
CA LYS A 300 8.35 -14.93 9.70
C LYS A 300 8.61 -15.22 8.23
N GLY A 301 9.77 -15.78 7.93
CA GLY A 301 10.10 -16.09 6.57
C GLY A 301 10.05 -14.82 5.73
N SER A 302 11.08 -14.01 5.87
CA SER A 302 11.18 -12.75 5.14
C SER A 302 12.60 -12.24 5.31
N VAL A 303 13.46 -12.57 4.35
CA VAL A 303 14.86 -12.15 4.39
C VAL A 303 15.19 -11.17 3.27
N SER A 304 16.26 -10.40 3.46
CA SER A 304 16.71 -9.43 2.48
C SER A 304 18.09 -9.86 1.98
N TRP A 305 18.69 -9.05 1.12
CA TRP A 305 20.00 -9.37 0.58
C TRP A 305 21.05 -9.51 1.68
N THR A 306 20.83 -8.83 2.81
CA THR A 306 21.77 -8.89 3.93
C THR A 306 21.64 -10.23 4.67
N GLY A 307 20.93 -11.17 4.07
CA GLY A 307 20.76 -12.49 4.68
C GLY A 307 19.98 -12.50 5.98
N LYS A 308 19.74 -11.33 6.54
CA LYS A 308 19.01 -11.22 7.80
C LYS A 308 17.55 -10.83 7.50
N PRO A 309 16.65 -11.02 8.48
CA PRO A 309 15.23 -10.67 8.30
C PRO A 309 14.96 -9.17 8.15
N VAL A 310 14.25 -8.80 7.08
CA VAL A 310 13.91 -7.40 6.78
C VAL A 310 13.52 -6.62 8.04
N SER A 311 14.19 -5.48 8.25
CA SER A 311 13.94 -4.69 9.45
C SER A 311 13.33 -3.30 9.25
N TYR A 312 12.29 -3.02 10.04
CA TYR A 312 11.62 -1.73 10.01
C TYR A 312 11.53 -1.20 11.45
N TYR A 313 11.55 0.12 11.59
CA TYR A 313 11.53 0.73 12.91
C TYR A 313 10.40 1.73 13.11
N LEU A 314 9.91 1.79 14.35
CA LEU A 314 8.83 2.69 14.71
C LEU A 314 9.36 3.74 15.67
N HIS A 315 9.20 5.01 15.29
CA HIS A 315 9.63 6.12 16.13
C HIS A 315 8.38 6.80 16.63
N THR A 316 8.38 7.19 17.90
CA THR A 316 7.23 7.89 18.47
C THR A 316 7.72 9.17 19.15
N ILE A 317 7.24 10.32 18.68
CA ILE A 317 7.66 11.59 19.25
C ILE A 317 7.25 11.60 20.71
N ASP A 318 8.26 11.57 21.57
CA ASP A 318 8.03 11.56 23.01
C ASP A 318 9.01 12.53 23.68
N ARG A 319 8.56 13.77 23.89
CA ARG A 319 9.40 14.79 24.49
C ARG A 319 9.50 14.65 26.00
N THR A 320 8.80 13.67 26.54
CA THR A 320 8.80 13.37 27.96
C THR A 320 10.20 12.85 28.31
N ILE A 321 10.91 12.36 27.30
CA ILE A 321 12.26 11.83 27.47
C ILE A 321 13.20 12.95 27.89
N LEU A 322 13.15 14.05 27.14
CA LEU A 322 13.99 15.20 27.38
C LEU A 322 13.61 15.91 28.68
N GLU A 323 12.30 16.00 28.93
CA GLU A 323 11.79 16.65 30.13
C GLU A 323 12.24 15.90 31.37
N ASN A 324 12.34 14.58 31.28
CA ASN A 324 12.77 13.80 32.42
C ASN A 324 14.27 13.96 32.66
N TYR A 325 15.00 14.21 31.58
CA TYR A 325 16.44 14.40 31.68
C TYR A 325 16.75 15.69 32.42
N PHE A 326 16.02 16.75 32.09
CA PHE A 326 16.24 18.02 32.75
C PHE A 326 15.84 17.94 34.21
N SER A 327 14.77 17.22 34.51
CA SER A 327 14.33 17.08 35.89
C SER A 327 15.37 16.32 36.68
N SER A 328 16.03 15.37 36.02
CA SER A 328 17.06 14.59 36.69
C SER A 328 18.25 15.49 36.98
N LEU A 329 18.41 16.55 36.19
CA LEU A 329 19.52 17.47 36.41
C LEU A 329 19.23 18.29 37.66
N LYS A 330 17.95 18.52 37.93
CA LYS A 330 17.54 19.30 39.10
C LYS A 330 17.47 18.45 40.37
N ASN A 331 17.40 17.13 40.20
CA ASN A 331 17.29 16.23 41.35
C ASN A 331 18.09 14.94 41.17
N PRO A 332 19.24 14.82 41.84
CA PRO A 332 19.80 15.83 42.74
C PRO A 332 20.70 16.79 41.97
C TT8 B . 7.74 1.84 -1.03
N TT8 B . 7.57 4.27 -0.70
O TT8 B . 7.90 1.80 0.21
C1 TT8 B . 15.12 14.12 -1.35
N1 TT8 B . 11.48 13.80 -2.43
C2 TT8 B . 10.51 12.92 -2.93
N3 TT8 B . 10.90 11.59 -3.16
C4 TT8 B . 12.18 11.16 -2.92
C5 TT8 B . 13.16 12.05 -2.44
C6 TT8 B . 12.80 13.39 -2.18
N6 TT8 B . 13.68 14.31 -1.70
N7 TT8 B . 14.31 11.36 -2.30
C8 TT8 B . 14.11 10.08 -2.67
N9 TT8 B . 12.78 9.94 -3.08
CA TT8 B . 7.75 3.20 -1.74
CB TT8 B . 9.02 3.45 -2.58
SD TT8 B . 11.83 3.78 -2.74
CG TT8 B . 10.34 3.49 -1.76
C1' TT8 B . 12.11 8.72 -3.56
C2' TT8 B . 12.88 7.98 -4.63
O2' TT8 B . 12.71 8.56 -5.89
C3' TT8 B . 12.31 6.57 -4.53
O3' TT8 B . 11.38 6.25 -5.54
C4' TT8 B . 11.70 6.51 -3.13
O4' TT8 B . 11.93 7.78 -2.51
C5' TT8 B . 12.34 5.45 -2.25
OXT TT8 B . 7.60 0.77 -1.66
C1 GOL C . -1.57 -12.89 -12.15
O1 GOL C . -1.69 -11.48 -12.34
C2 GOL C . -1.54 -13.20 -10.66
O2 GOL C . -2.72 -12.69 -10.03
C3 GOL C . -1.43 -14.71 -10.44
O3 GOL C . -1.40 -14.97 -9.03
C ACT D . 0.14 16.83 5.09
O ACT D . 0.37 15.55 5.30
OXT ACT D . 0.11 17.42 3.93
CH3 ACT D . -0.11 17.78 6.24
S SO4 E . -13.24 7.85 -5.91
O1 SO4 E . -12.70 9.05 -5.25
O2 SO4 E . -12.28 6.74 -5.75
O3 SO4 E . -14.51 7.47 -5.27
O4 SO4 E . -13.44 8.13 -7.34
#